data_6AVX
#
_entry.id   6AVX
#
_cell.length_a   45.500
_cell.length_b   52.080
_cell.length_c   75.950
_cell.angle_alpha   90.000
_cell.angle_beta   90.000
_cell.angle_gamma   90.000
#
_symmetry.space_group_name_H-M   'P 21 21 21'
#
loop_
_entity.id
_entity.type
_entity.pdbx_description
1 polymer 'Carboxylesterase SOBER1'
2 water water
#
_entity_poly.entity_id   1
_entity_poly.type   'polypeptide(L)'
_entity_poly.pdbx_seq_one_letter_code
;GPMARTFILWLHGLGDSGPANEPIQTQFKSSELSNASWLFPSAPFNPVTCNNGAVMRSWFDVPELPLKVGSPIDESSVLE
AVKNVHAIIDQEIAEGTNPENVFICGLSQGGALTLASVLLYPKTLGGGAVLSGWVPFTSSIISQFPEEAKKTPILWSHGT
DDRMVLFEAGQAALPFLKEAGVTCEFKAYPGLGHSISNKELKYIESWIKRRLKGSSSTCLQLNCLKEMFH
;
_entity_poly.pdbx_strand_id   A
#
# COMPACT_ATOMS: atom_id res chain seq x y z
N THR A 6 -9.83 -12.74 9.21
CA THR A 6 -8.84 -11.75 8.75
C THR A 6 -8.90 -11.62 7.23
N PHE A 7 -8.87 -10.39 6.72
CA PHE A 7 -8.92 -10.11 5.30
C PHE A 7 -7.67 -9.33 4.93
N ILE A 8 -6.95 -9.80 3.92
CA ILE A 8 -5.71 -9.17 3.48
C ILE A 8 -5.87 -8.87 1.99
N LEU A 9 -5.86 -7.57 1.66
CA LEU A 9 -5.92 -7.09 0.29
C LEU A 9 -4.50 -6.74 -0.13
N TRP A 10 -4.03 -7.34 -1.23
CA TRP A 10 -2.69 -7.09 -1.75
C TRP A 10 -2.79 -6.39 -3.09
N LEU A 11 -2.10 -5.26 -3.24
CA LEU A 11 -2.16 -4.41 -4.43
C LEU A 11 -0.82 -4.47 -5.16
N HIS A 12 -0.86 -5.00 -6.39
CA HIS A 12 0.34 -5.19 -7.20
C HIS A 12 0.90 -3.85 -7.67
N GLY A 13 2.11 -3.91 -8.23
CA GLY A 13 2.80 -2.76 -8.79
C GLY A 13 2.50 -2.53 -10.26
N LEU A 14 3.11 -1.48 -10.79
CA LEU A 14 2.82 -1.03 -12.13
C LEU A 14 3.10 -2.11 -13.16
N GLY A 15 2.13 -2.40 -14.01
CA GLY A 15 2.23 -3.35 -15.09
C GLY A 15 1.89 -4.78 -14.70
N ASP A 16 1.85 -5.08 -13.41
CA ASP A 16 1.72 -6.44 -12.91
C ASP A 16 0.23 -6.79 -12.82
N SER A 17 -0.11 -7.91 -12.17
CA SER A 17 -1.51 -8.33 -12.04
C SER A 17 -1.69 -9.03 -10.70
N GLY A 18 -2.95 -9.21 -10.32
CA GLY A 18 -3.26 -9.89 -9.08
C GLY A 18 -2.83 -11.34 -9.10
N PRO A 19 -3.27 -12.10 -10.11
CA PRO A 19 -2.89 -13.53 -10.15
C PRO A 19 -1.41 -13.76 -10.14
N ALA A 20 -0.62 -12.85 -10.73
CA ALA A 20 0.83 -13.02 -10.72
C ALA A 20 1.38 -12.95 -9.31
N ASN A 21 0.70 -12.26 -8.40
CA ASN A 21 1.18 -12.06 -7.05
C ASN A 21 0.53 -12.94 -6.00
N GLU A 22 -0.54 -13.65 -6.36
CA GLU A 22 -1.20 -14.51 -5.38
C GLU A 22 -0.24 -15.43 -4.63
N PRO A 23 0.82 -15.97 -5.23
CA PRO A 23 1.73 -16.83 -4.45
C PRO A 23 2.41 -16.15 -3.27
N ILE A 24 2.38 -14.82 -3.18
CA ILE A 24 2.91 -14.16 -1.99
C ILE A 24 2.30 -14.77 -0.74
N GLN A 25 1.02 -15.13 -0.79
CA GLN A 25 0.34 -15.63 0.41
C GLN A 25 0.99 -16.91 0.92
N THR A 26 1.65 -17.68 0.04
CA THR A 26 2.29 -18.92 0.46
C THR A 26 3.53 -18.69 1.29
N GLN A 27 4.05 -17.46 1.36
CA GLN A 27 5.14 -17.14 2.27
C GLN A 27 4.65 -16.82 3.68
N PHE A 28 3.34 -16.69 3.86
CA PHE A 28 2.74 -16.43 5.17
C PHE A 28 2.26 -17.79 5.66
N LYS A 29 3.19 -18.53 6.27
CA LYS A 29 3.01 -19.94 6.60
C LYS A 29 2.57 -20.19 8.03
N SER A 30 2.36 -19.15 8.82
CA SER A 30 2.03 -19.34 10.23
C SER A 30 0.63 -19.92 10.41
N SER A 31 0.44 -20.61 11.53
CA SER A 31 -0.91 -21.02 11.92
C SER A 31 -1.84 -19.82 12.05
N GLU A 32 -1.33 -18.71 12.58
CA GLU A 32 -2.16 -17.55 12.87
C GLU A 32 -2.74 -16.93 11.62
N LEU A 33 -2.03 -16.97 10.51
CA LEU A 33 -2.53 -16.40 9.28
C LEU A 33 -3.14 -17.44 8.35
N SER A 34 -3.23 -18.69 8.80
CA SER A 34 -3.63 -19.77 7.88
C SER A 34 -5.06 -19.61 7.39
N ASN A 35 -5.93 -19.01 8.18
CA ASN A 35 -7.32 -18.86 7.81
C ASN A 35 -7.61 -17.52 7.13
N ALA A 36 -6.57 -16.72 6.87
CA ALA A 36 -6.81 -15.40 6.30
C ALA A 36 -7.44 -15.52 4.93
N SER A 37 -8.33 -14.59 4.64
CA SER A 37 -8.93 -14.45 3.32
CA SER A 37 -8.93 -14.45 3.31
C SER A 37 -8.13 -13.41 2.56
N TRP A 38 -7.47 -13.81 1.50
CA TRP A 38 -6.64 -12.92 0.69
C TRP A 38 -7.41 -12.49 -0.56
N LEU A 39 -7.11 -11.27 -1.03
CA LEU A 39 -7.63 -10.83 -2.31
C LEU A 39 -6.54 -10.07 -3.06
N PHE A 40 -6.31 -10.47 -4.30
CA PHE A 40 -5.29 -9.89 -5.15
C PHE A 40 -6.00 -9.36 -6.40
N PRO A 41 -6.54 -8.15 -6.34
CA PRO A 41 -7.21 -7.56 -7.52
C PRO A 41 -6.21 -7.18 -8.59
N SER A 42 -6.73 -6.87 -9.78
CA SER A 42 -5.89 -6.43 -10.90
C SER A 42 -6.32 -5.04 -11.35
N ALA A 43 -5.36 -4.16 -11.51
CA ALA A 43 -5.64 -2.80 -11.93
C ALA A 43 -6.17 -2.81 -13.37
N PRO A 44 -6.94 -1.80 -13.75
CA PRO A 44 -7.36 -1.66 -15.14
C PRO A 44 -6.19 -1.35 -16.05
N PHE A 45 -6.41 -1.59 -17.34
CA PHE A 45 -5.48 -1.18 -18.39
C PHE A 45 -5.64 0.32 -18.63
N ASN A 46 -4.62 1.10 -18.28
CA ASN A 46 -4.62 2.54 -18.43
C ASN A 46 -3.35 2.96 -19.15
N PRO A 47 -3.37 4.08 -19.88
CA PRO A 47 -2.12 4.66 -20.37
C PRO A 47 -1.27 5.14 -19.20
N VAL A 48 0.04 5.03 -19.35
CA VAL A 48 0.98 5.39 -18.30
C VAL A 48 1.99 6.39 -18.85
N THR A 49 2.00 7.59 -18.26
CA THR A 49 2.81 8.69 -18.78
C THR A 49 4.31 8.36 -18.76
N CYS A 50 4.81 7.74 -17.69
CA CYS A 50 6.24 7.46 -17.64
C CYS A 50 6.65 6.45 -18.71
N ASN A 51 5.70 5.71 -19.27
CA ASN A 51 5.94 4.78 -20.36
C ASN A 51 5.41 5.32 -21.68
N ASN A 52 5.42 6.65 -21.81
CA ASN A 52 5.07 7.33 -23.05
C ASN A 52 3.66 7.02 -23.50
N GLY A 53 2.76 6.85 -22.54
CA GLY A 53 1.37 6.61 -22.85
C GLY A 53 1.04 5.18 -23.18
N ALA A 54 2.00 4.27 -23.11
CA ALA A 54 1.70 2.86 -23.34
C ALA A 54 0.69 2.35 -22.30
N VAL A 55 -0.19 1.49 -22.76
CA VAL A 55 -1.26 0.96 -21.92
C VAL A 55 -0.78 -0.31 -21.22
N MET A 56 -1.08 -0.41 -19.94
CA MET A 56 -0.71 -1.57 -19.12
C MET A 56 -1.56 -1.51 -17.87
N ARG A 57 -1.57 -2.58 -17.11
CA ARG A 57 -2.29 -2.54 -15.84
C ARG A 57 -1.61 -1.51 -14.94
N SER A 58 -2.39 -0.57 -14.43
CA SER A 58 -1.83 0.53 -13.65
C SER A 58 -2.92 1.09 -12.76
N TRP A 59 -2.64 1.19 -11.46
CA TRP A 59 -3.64 1.71 -10.54
C TRP A 59 -3.95 3.18 -10.78
N PHE A 60 -2.95 3.99 -11.12
CA PHE A 60 -3.09 5.43 -11.29
C PHE A 60 -1.88 5.89 -12.09
N ASP A 61 -1.98 7.05 -12.72
CA ASP A 61 -0.91 7.44 -13.62
C ASP A 61 0.33 7.82 -12.83
N VAL A 62 1.48 7.47 -13.40
CA VAL A 62 2.81 7.71 -12.83
C VAL A 62 3.53 8.60 -13.84
N PRO A 63 3.76 9.88 -13.55
CA PRO A 63 4.35 10.76 -14.56
C PRO A 63 5.80 10.48 -14.87
N GLU A 64 6.59 10.04 -13.89
CA GLU A 64 8.03 10.09 -14.01
C GLU A 64 8.65 8.99 -13.18
N LEU A 65 9.79 8.52 -13.65
CA LEU A 65 10.65 7.69 -12.86
C LEU A 65 12.04 8.32 -12.85
N PRO A 66 12.78 8.13 -11.75
CA PRO A 66 12.34 7.35 -10.59
C PRO A 66 11.47 8.19 -9.69
N LEU A 67 10.77 7.56 -8.78
CA LEU A 67 10.05 8.31 -7.75
C LEU A 67 11.08 8.80 -6.75
N LYS A 68 10.99 10.07 -6.42
CA LYS A 68 11.97 10.72 -5.57
C LYS A 68 11.21 11.73 -4.73
N VAL A 69 11.93 12.33 -3.79
CA VAL A 69 11.40 13.52 -3.14
C VAL A 69 11.30 14.59 -4.21
N GLY A 70 10.10 15.10 -4.42
CA GLY A 70 9.86 16.13 -5.41
C GLY A 70 9.51 15.64 -6.78
N SER A 71 9.31 14.32 -6.95
CA SER A 71 8.89 13.80 -8.24
C SER A 71 7.41 14.14 -8.46
N PRO A 72 7.01 14.45 -9.70
CA PRO A 72 5.60 14.75 -9.95
C PRO A 72 4.69 13.54 -9.80
N ILE A 73 3.47 13.80 -9.33
CA ILE A 73 2.43 12.79 -9.06
C ILE A 73 1.09 13.29 -9.60
N ASP A 74 -0.05 12.73 -9.15
CA ASP A 74 -1.34 12.98 -9.83
C ASP A 74 -2.51 12.54 -8.94
N GLU A 75 -3.20 13.51 -8.30
CA GLU A 75 -4.14 13.22 -7.22
C GLU A 75 -5.50 12.68 -7.68
N SER A 76 -6.10 13.28 -8.71
CA SER A 76 -7.38 12.75 -9.20
CA SER A 76 -7.38 12.75 -9.21
C SER A 76 -7.23 11.30 -9.63
N SER A 77 -6.07 10.96 -10.21
CA SER A 77 -5.83 9.58 -10.63
C SER A 77 -5.71 8.66 -9.43
N VAL A 78 -4.94 9.05 -8.42
CA VAL A 78 -4.87 8.26 -7.18
C VAL A 78 -6.26 8.10 -6.56
N LEU A 79 -7.10 9.13 -6.59
CA LEU A 79 -8.43 9.02 -5.95
C LEU A 79 -9.39 8.08 -6.69
N GLU A 80 -9.33 8.04 -8.03
CA GLU A 80 -10.08 7.01 -8.75
C GLU A 80 -9.71 5.63 -8.23
N ALA A 81 -8.42 5.39 -8.04
CA ALA A 81 -8.00 4.09 -7.56
C ALA A 81 -8.47 3.89 -6.14
N VAL A 82 -8.39 4.93 -5.29
CA VAL A 82 -8.86 4.81 -3.91
C VAL A 82 -10.32 4.44 -3.88
N LYS A 83 -11.13 5.02 -4.77
CA LYS A 83 -12.55 4.72 -4.79
C LYS A 83 -12.78 3.23 -4.96
N ASN A 84 -12.04 2.60 -5.86
CA ASN A 84 -12.22 1.17 -6.08
C ASN A 84 -11.74 0.36 -4.90
N VAL A 85 -10.57 0.69 -4.32
CA VAL A 85 -10.11 -0.02 -3.13
C VAL A 85 -11.15 0.10 -2.02
N HIS A 86 -11.69 1.29 -1.83
CA HIS A 86 -12.69 1.48 -0.78
C HIS A 86 -13.94 0.66 -1.04
N ALA A 87 -14.35 0.49 -2.31
CA ALA A 87 -15.50 -0.36 -2.60
C ALA A 87 -15.24 -1.79 -2.13
N ILE A 88 -14.01 -2.28 -2.34
CA ILE A 88 -13.66 -3.63 -1.91
C ILE A 88 -13.73 -3.73 -0.40
N ILE A 89 -13.13 -2.76 0.29
CA ILE A 89 -13.11 -2.79 1.76
CA ILE A 89 -13.12 -2.79 1.75
C ILE A 89 -14.54 -2.66 2.29
N ASP A 90 -15.31 -1.73 1.72
CA ASP A 90 -16.71 -1.55 2.14
C ASP A 90 -17.47 -2.87 2.07
N GLN A 91 -17.30 -3.60 0.98
CA GLN A 91 -18.06 -4.83 0.81
C GLN A 91 -17.63 -5.90 1.81
N GLU A 92 -16.32 -6.02 2.06
CA GLU A 92 -15.85 -6.99 3.04
C GLU A 92 -16.41 -6.68 4.43
N ILE A 93 -16.40 -5.40 4.83
CA ILE A 93 -16.94 -5.02 6.12
C ILE A 93 -18.47 -5.23 6.14
N ALA A 94 -19.14 -4.93 5.03
CA ALA A 94 -20.59 -5.15 4.94
C ALA A 94 -20.94 -6.62 5.06
N GLU A 95 -20.04 -7.51 4.67
CA GLU A 95 -20.27 -8.95 4.80
C GLU A 95 -19.91 -9.47 6.18
N GLY A 96 -19.46 -8.60 7.08
CA GLY A 96 -19.29 -8.94 8.47
C GLY A 96 -17.88 -8.95 9.00
N THR A 97 -16.86 -8.64 8.21
CA THR A 97 -15.51 -8.62 8.74
C THR A 97 -15.30 -7.39 9.61
N ASN A 98 -14.66 -7.59 10.74
CA ASN A 98 -14.33 -6.47 11.63
C ASN A 98 -13.32 -5.57 10.93
N PRO A 99 -13.54 -4.26 10.88
CA PRO A 99 -12.55 -3.39 10.19
C PRO A 99 -11.14 -3.56 10.69
N GLU A 100 -10.94 -3.80 11.98
CA GLU A 100 -9.62 -3.98 12.53
C GLU A 100 -8.97 -5.31 12.14
N ASN A 101 -9.70 -6.18 11.46
CA ASN A 101 -9.13 -7.41 10.91
C ASN A 101 -8.84 -7.29 9.41
N VAL A 102 -8.90 -6.07 8.87
CA VAL A 102 -8.62 -5.80 7.46
C VAL A 102 -7.21 -5.24 7.38
N PHE A 103 -6.39 -5.81 6.52
CA PHE A 103 -5.04 -5.34 6.25
C PHE A 103 -4.90 -5.06 4.78
N ILE A 104 -4.34 -3.91 4.42
CA ILE A 104 -4.08 -3.56 3.03
CA ILE A 104 -4.10 -3.53 3.05
C ILE A 104 -2.58 -3.49 2.86
N CYS A 105 -2.10 -4.13 1.81
CA CYS A 105 -0.67 -4.21 1.54
C CYS A 105 -0.42 -3.98 0.06
N GLY A 106 0.77 -3.54 -0.29
CA GLY A 106 1.08 -3.45 -1.70
C GLY A 106 2.51 -3.04 -1.97
N LEU A 107 2.93 -3.36 -3.19
CA LEU A 107 4.29 -3.08 -3.67
C LEU A 107 4.29 -1.88 -4.61
N SER A 108 5.16 -0.92 -4.33
CA SER A 108 5.50 0.18 -5.22
C SER A 108 4.25 0.99 -5.54
N GLN A 109 3.78 1.02 -6.78
CA GLN A 109 2.53 1.71 -7.06
C GLN A 109 1.41 1.22 -6.15
N GLY A 110 1.35 -0.08 -5.89
CA GLY A 110 0.35 -0.63 -5.00
C GLY A 110 0.59 -0.26 -3.54
N GLY A 111 1.83 0.00 -3.17
CA GLY A 111 2.12 0.53 -1.84
C GLY A 111 1.67 1.98 -1.68
N ALA A 112 1.94 2.82 -2.68
CA ALA A 112 1.38 4.16 -2.68
C ALA A 112 -0.13 4.12 -2.58
N LEU A 113 -0.77 3.21 -3.31
CA LEU A 113 -2.22 3.10 -3.25
C LEU A 113 -2.68 2.60 -1.90
N THR A 114 -1.95 1.66 -1.30
CA THR A 114 -2.25 1.22 0.05
C THR A 114 -2.30 2.40 1.00
N LEU A 115 -1.26 3.23 0.96
CA LEU A 115 -1.21 4.37 1.86
C LEU A 115 -2.41 5.28 1.67
N ALA A 116 -2.66 5.67 0.43
CA ALA A 116 -3.77 6.58 0.16
C ALA A 116 -5.10 5.97 0.59
N SER A 117 -5.27 4.67 0.35
CA SER A 117 -6.53 4.03 0.66
C SER A 117 -6.78 3.96 2.15
N VAL A 118 -5.75 3.60 2.92
CA VAL A 118 -5.90 3.51 4.36
C VAL A 118 -6.16 4.88 4.96
N LEU A 119 -5.41 5.89 4.53
CA LEU A 119 -5.50 7.20 5.17
C LEU A 119 -6.82 7.90 4.88
N LEU A 120 -7.50 7.52 3.81
CA LEU A 120 -8.78 8.13 3.46
C LEU A 120 -9.97 7.28 3.88
N TYR A 121 -9.75 6.10 4.44
CA TYR A 121 -10.88 5.24 4.78
C TYR A 121 -11.56 5.75 6.06
N PRO A 122 -12.91 5.72 6.13
CA PRO A 122 -13.58 6.32 7.30
C PRO A 122 -13.39 5.58 8.60
N LYS A 123 -12.91 4.34 8.58
CA LYS A 123 -12.76 3.51 9.78
C LYS A 123 -11.31 3.09 9.99
N THR A 124 -10.97 2.82 11.24
CA THR A 124 -9.67 2.24 11.56
C THR A 124 -9.62 0.82 11.04
N LEU A 125 -8.53 0.50 10.36
CA LEU A 125 -8.30 -0.84 9.83
C LEU A 125 -7.21 -1.50 10.65
N GLY A 126 -6.96 -2.78 10.33
CA GLY A 126 -5.92 -3.52 11.00
C GLY A 126 -4.55 -2.93 10.71
N GLY A 127 -4.30 -2.55 9.48
CA GLY A 127 -3.02 -1.97 9.15
C GLY A 127 -2.86 -1.75 7.66
N GLY A 128 -1.88 -0.92 7.33
CA GLY A 128 -1.43 -0.75 5.96
C GLY A 128 0.05 -1.09 5.88
N ALA A 129 0.41 -2.04 5.02
CA ALA A 129 1.81 -2.42 4.81
C ALA A 129 2.24 -1.93 3.44
N VAL A 130 3.11 -0.94 3.43
CA VAL A 130 3.64 -0.35 2.20
C VAL A 130 5.00 -0.97 1.94
N LEU A 131 5.20 -1.51 0.74
CA LEU A 131 6.50 -2.05 0.33
C LEU A 131 7.03 -1.18 -0.79
N SER A 132 8.10 -0.46 -0.52
CA SER A 132 8.81 0.27 -1.56
C SER A 132 7.90 1.25 -2.29
N GLY A 133 7.03 1.92 -1.54
CA GLY A 133 6.09 2.87 -2.09
C GLY A 133 6.56 4.31 -1.98
N TRP A 134 5.60 5.21 -2.12
CA TRP A 134 5.85 6.63 -2.02
C TRP A 134 4.55 7.29 -1.58
N VAL A 135 4.65 8.57 -1.21
CA VAL A 135 3.48 9.35 -0.81
C VAL A 135 2.84 9.92 -2.07
N PRO A 136 1.62 9.51 -2.44
CA PRO A 136 1.12 9.86 -3.78
C PRO A 136 0.26 11.10 -3.81
N PHE A 137 0.44 11.97 -2.84
CA PHE A 137 -0.29 13.23 -2.79
C PHE A 137 0.49 14.20 -1.92
N THR A 138 0.07 15.47 -1.95
CA THR A 138 0.70 16.52 -1.16
C THR A 138 -0.02 16.62 0.19
N SER A 139 0.51 17.48 1.06
CA SER A 139 -0.11 17.70 2.35
C SER A 139 -1.49 18.36 2.24
N SER A 140 -1.90 18.85 1.07
CA SER A 140 -3.24 19.42 0.93
C SER A 140 -4.33 18.41 1.25
N ILE A 141 -4.05 17.11 1.14
CA ILE A 141 -5.07 16.09 1.40
C ILE A 141 -5.22 15.77 2.87
N ILE A 142 -4.26 16.14 3.72
CA ILE A 142 -4.25 15.66 5.10
C ILE A 142 -5.52 16.07 5.84
N SER A 143 -6.04 17.26 5.54
CA SER A 143 -7.27 17.72 6.18
C SER A 143 -8.45 16.80 5.92
N GLN A 144 -8.35 15.91 4.93
CA GLN A 144 -9.45 15.04 4.58
C GLN A 144 -9.30 13.62 5.13
N PHE A 145 -8.23 13.32 5.83
CA PHE A 145 -8.08 12.00 6.41
C PHE A 145 -9.08 11.85 7.55
N PRO A 146 -9.96 10.86 7.51
CA PRO A 146 -10.94 10.69 8.59
C PRO A 146 -10.29 10.46 9.94
N GLU A 147 -11.01 10.84 10.99
CA GLU A 147 -10.49 10.72 12.34
C GLU A 147 -10.00 9.31 12.63
N GLU A 148 -10.81 8.30 12.30
CA GLU A 148 -10.47 6.92 12.62
CA GLU A 148 -10.42 6.95 12.67
C GLU A 148 -9.31 6.41 11.78
N ALA A 149 -9.15 6.94 10.57
CA ALA A 149 -8.09 6.47 9.68
C ALA A 149 -6.73 6.74 10.28
N LYS A 150 -6.60 7.80 11.07
CA LYS A 150 -5.32 8.15 11.62
C LYS A 150 -4.84 7.16 12.66
N LYS A 151 -5.72 6.28 13.15
CA LYS A 151 -5.35 5.25 14.12
C LYS A 151 -4.91 3.97 13.44
N THR A 152 -5.00 3.87 12.12
CA THR A 152 -4.57 2.64 11.47
C THR A 152 -3.05 2.62 11.42
N PRO A 153 -2.40 1.59 11.95
CA PRO A 153 -0.94 1.58 11.90
C PRO A 153 -0.42 1.29 10.51
N ILE A 154 0.71 1.93 10.20
CA ILE A 154 1.39 1.73 8.92
C ILE A 154 2.73 1.05 9.19
N LEU A 155 3.04 0.03 8.43
CA LEU A 155 4.38 -0.55 8.39
C LEU A 155 4.94 -0.28 7.00
N TRP A 156 6.02 0.48 6.92
CA TRP A 156 6.64 0.84 5.66
C TRP A 156 7.97 0.11 5.56
N SER A 157 8.14 -0.70 4.52
CA SER A 157 9.35 -1.47 4.27
C SER A 157 9.99 -0.92 3.01
N HIS A 158 11.30 -0.64 3.03
CA HIS A 158 11.94 -0.06 1.85
C HIS A 158 13.39 -0.53 1.79
N GLY A 159 13.83 -0.83 0.58
CA GLY A 159 15.21 -1.22 0.35
C GLY A 159 16.10 0.00 0.21
N THR A 160 17.25 -0.05 0.88
CA THR A 160 18.13 1.12 0.85
C THR A 160 18.73 1.37 -0.51
N ASP A 161 18.82 0.34 -1.35
CA ASP A 161 19.50 0.44 -2.64
C ASP A 161 18.54 0.60 -3.80
N ASP A 162 17.27 0.91 -3.51
CA ASP A 162 16.25 1.04 -4.54
C ASP A 162 16.52 2.28 -5.38
N ARG A 163 16.69 2.09 -6.69
CA ARG A 163 16.90 3.17 -7.65
C ARG A 163 15.69 3.40 -8.53
N MET A 164 14.58 2.72 -8.24
CA MET A 164 13.32 2.90 -8.95
CA MET A 164 13.35 2.96 -8.97
C MET A 164 12.37 3.81 -8.17
N VAL A 165 12.23 3.51 -6.90
CA VAL A 165 11.55 4.37 -5.94
C VAL A 165 12.60 4.60 -4.87
N LEU A 166 13.24 5.77 -4.93
CA LEU A 166 14.41 6.00 -4.09
C LEU A 166 14.06 5.85 -2.62
N PHE A 167 15.02 5.34 -1.87
CA PHE A 167 14.84 5.19 -0.43
C PHE A 167 14.40 6.50 0.22
N GLU A 168 14.91 7.63 -0.27
CA GLU A 168 14.52 8.93 0.29
C GLU A 168 13.02 9.20 0.10
N ALA A 169 12.42 8.68 -0.96
CA ALA A 169 10.98 8.83 -1.12
C ALA A 169 10.22 8.08 -0.05
N GLY A 170 10.75 6.95 0.42
CA GLY A 170 10.14 6.24 1.51
C GLY A 170 10.36 6.96 2.83
N GLN A 171 11.59 7.42 3.06
CA GLN A 171 11.86 8.18 4.28
C GLN A 171 10.97 9.42 4.38
N ALA A 172 10.63 10.03 3.24
CA ALA A 172 9.79 11.22 3.25
C ALA A 172 8.39 10.95 3.80
N ALA A 173 7.95 9.70 3.78
CA ALA A 173 6.64 9.40 4.34
C ALA A 173 6.60 9.69 5.83
N LEU A 174 7.74 9.63 6.51
CA LEU A 174 7.72 9.75 7.98
C LEU A 174 7.30 11.14 8.42
N PRO A 175 7.88 12.22 7.93
CA PRO A 175 7.37 13.53 8.37
C PRO A 175 5.98 13.82 7.86
N PHE A 176 5.61 13.30 6.69
CA PHE A 176 4.25 13.46 6.21
C PHE A 176 3.26 12.81 7.16
N LEU A 177 3.56 11.58 7.58
CA LEU A 177 2.65 10.87 8.45
C LEU A 177 2.61 11.48 9.83
N LYS A 178 3.73 12.03 10.30
CA LYS A 178 3.72 12.75 11.57
C LYS A 178 2.80 13.97 11.48
N GLU A 179 2.91 14.75 10.41
CA GLU A 179 2.00 15.87 10.21
C GLU A 179 0.55 15.39 10.25
N ALA A 180 0.29 14.22 9.67
CA ALA A 180 -1.04 13.68 9.56
C ALA A 180 -1.54 13.03 10.84
N GLY A 181 -0.69 12.87 11.86
CA GLY A 181 -1.10 12.21 13.09
C GLY A 181 -1.20 10.71 13.00
N VAL A 182 -0.43 10.10 12.10
CA VAL A 182 -0.48 8.65 11.84
C VAL A 182 0.79 8.03 12.40
N THR A 183 0.68 6.84 12.95
CA THR A 183 1.82 6.12 13.48
C THR A 183 2.37 5.16 12.43
N CYS A 184 3.67 5.28 12.15
CA CYS A 184 4.32 4.48 11.14
C CYS A 184 5.60 3.86 11.69
N GLU A 185 5.74 2.57 11.51
CA GLU A 185 7.02 1.90 11.70
C GLU A 185 7.70 1.82 10.35
N PHE A 186 8.94 2.28 10.27
CA PHE A 186 9.71 2.22 9.04
C PHE A 186 10.77 1.15 9.20
N LYS A 187 10.81 0.20 8.28
CA LYS A 187 11.73 -0.92 8.31
C LYS A 187 12.61 -0.84 7.06
N ALA A 188 13.88 -0.49 7.25
CA ALA A 188 14.83 -0.42 6.15
C ALA A 188 15.43 -1.79 5.92
N TYR A 189 15.67 -2.11 4.66
CA TYR A 189 16.31 -3.36 4.25
C TYR A 189 17.63 -3.02 3.57
N PRO A 190 18.76 -3.06 4.30
CA PRO A 190 20.04 -2.70 3.69
C PRO A 190 20.39 -3.60 2.52
N GLY A 191 20.78 -2.98 1.43
CA GLY A 191 21.18 -3.72 0.26
C GLY A 191 20.04 -4.15 -0.65
N LEU A 192 18.80 -4.09 -0.20
CA LEU A 192 17.67 -4.47 -1.04
C LEU A 192 17.37 -3.36 -2.03
N GLY A 193 17.05 -3.75 -3.25
CA GLY A 193 16.58 -2.84 -4.27
C GLY A 193 15.08 -2.82 -4.38
N HIS A 194 14.59 -2.73 -5.61
CA HIS A 194 13.16 -2.57 -5.87
C HIS A 194 12.55 -3.95 -6.09
N SER A 195 12.41 -4.70 -5.01
CA SER A 195 11.88 -6.05 -5.08
C SER A 195 11.41 -6.40 -3.68
N ILE A 196 10.78 -7.57 -3.57
CA ILE A 196 10.32 -8.11 -2.31
C ILE A 196 11.24 -9.26 -1.91
N SER A 197 11.70 -9.24 -0.67
CA SER A 197 12.41 -10.40 -0.15
C SER A 197 11.52 -11.22 0.78
N ASN A 198 11.80 -12.51 0.89
CA ASN A 198 11.00 -13.35 1.76
C ASN A 198 11.11 -12.90 3.21
N LYS A 199 12.28 -12.43 3.64
CA LYS A 199 12.40 -11.96 5.00
C LYS A 199 11.53 -10.73 5.24
N GLU A 200 11.42 -9.86 4.24
CA GLU A 200 10.54 -8.71 4.32
C GLU A 200 9.09 -9.14 4.53
N LEU A 201 8.66 -10.18 3.82
CA LEU A 201 7.32 -10.71 3.99
C LEU A 201 7.13 -11.33 5.38
N LYS A 202 8.14 -12.05 5.87
CA LYS A 202 8.00 -12.65 7.20
C LYS A 202 7.84 -11.57 8.27
N TYR A 203 8.54 -10.45 8.11
CA TYR A 203 8.39 -9.36 9.07
C TYR A 203 7.00 -8.75 9.01
N ILE A 204 6.45 -8.59 7.80
CA ILE A 204 5.07 -8.15 7.67
C ILE A 204 4.13 -9.15 8.35
N GLU A 205 4.36 -10.45 8.14
CA GLU A 205 3.52 -11.46 8.79
C GLU A 205 3.58 -11.31 10.30
N SER A 206 4.77 -11.12 10.85
CA SER A 206 4.90 -10.97 12.30
C SER A 206 4.16 -9.72 12.77
N TRP A 207 4.23 -8.63 12.01
CA TRP A 207 3.51 -7.40 12.35
C TRP A 207 2.00 -7.61 12.31
N ILE A 208 1.48 -8.31 11.31
CA ILE A 208 0.06 -8.63 11.30
C ILE A 208 -0.32 -9.44 12.52
N LYS A 209 0.49 -10.46 12.84
CA LYS A 209 0.22 -11.28 14.02
C LYS A 209 0.17 -10.43 15.28
N ARG A 210 1.12 -9.51 15.44
CA ARG A 210 1.14 -8.66 16.62
C ARG A 210 -0.09 -7.77 16.67
N ARG A 211 -0.48 -7.23 15.52
CA ARG A 211 -1.69 -6.40 15.49
C ARG A 211 -2.91 -7.22 15.89
N LEU A 212 -3.03 -8.43 15.38
CA LEU A 212 -4.15 -9.30 15.74
C LEU A 212 -4.12 -9.65 17.22
N LYS A 213 -2.92 -9.87 17.77
CA LYS A 213 -2.64 -10.06 19.20
C LYS A 213 -2.92 -11.47 19.69
#